data_3V78
#
_entry.id   3V78
#
_cell.length_a   99.098
_cell.length_b   99.098
_cell.length_c   66.478
_cell.angle_alpha   90.00
_cell.angle_beta   90.00
_cell.angle_gamma   120.00
#
_symmetry.space_group_name_H-M   'P 31 2 1'
#
loop_
_entity.id
_entity.type
_entity.pdbx_description
1 polymer 'PROBABLE TRANSCRIPTIONAL REGULATORY PROTEIN (PROBABLY DEOR-FAMILY)'
2 non-polymer ETHIDIUM
3 water water
#
_entity_poly.entity_id   1
_entity_poly.type   'polypeptide(L)'
_entity_poly.pdbx_seq_one_letter_code
;MTAGSDRRPRDPAGRRQAIVEAAERVIARQGLGGLSHRRVAAEANVPVGSTTYYFNDLDALREAALAHAANASADLLAQW
RSDLDKDRDLAATLARLTTVYLADQDRYRTLNELYMAAAHRPELQRLARLWPDGLLALLEPRIGRRAANAVTVFFDGATL
HALITGTPLSTDELTDAIARLVADGPEQREVGQSAHAGRTPDHHHHHH
;
_entity_poly.pdbx_strand_id   A,B
#
loop_
_chem_comp.id
_chem_comp.type
_chem_comp.name
_chem_comp.formula
ET non-polymer ETHIDIUM 'C21 H20 N3 1'
#
# COMPACT_ATOMS: atom_id res chain seq x y z
N ALA A 13 8.31 -25.63 17.22
CA ALA A 13 8.11 -26.45 18.41
C ALA A 13 6.75 -27.18 18.37
N GLY A 14 5.69 -26.41 18.14
CA GLY A 14 4.36 -26.98 17.97
C GLY A 14 3.97 -26.90 16.51
N ARG A 15 3.62 -28.03 15.90
CA ARG A 15 3.39 -28.08 14.46
C ARG A 15 2.11 -27.37 14.01
N ARG A 16 1.09 -27.34 14.86
CA ARG A 16 -0.08 -26.51 14.58
C ARG A 16 0.40 -25.09 14.24
N GLN A 17 1.05 -24.47 15.22
CA GLN A 17 1.55 -23.11 15.11
C GLN A 17 2.37 -22.86 13.86
N ALA A 18 3.29 -23.78 13.57
CA ALA A 18 4.16 -23.57 12.42
C ALA A 18 3.34 -23.56 11.13
N ILE A 19 2.23 -24.27 11.14
CA ILE A 19 1.35 -24.33 9.98
C ILE A 19 0.52 -23.04 9.86
N VAL A 20 0.03 -22.50 10.97
CA VAL A 20 -0.71 -21.25 10.90
C VAL A 20 0.20 -20.05 10.51
N GLU A 21 1.44 -20.04 11.01
CA GLU A 21 2.44 -19.05 10.63
C GLU A 21 2.86 -19.14 9.16
N ALA A 22 3.04 -20.36 8.65
CA ALA A 22 3.30 -20.55 7.23
C ALA A 22 2.11 -20.07 6.41
N ALA A 23 0.91 -20.41 6.86
CA ALA A 23 -0.31 -20.00 6.17
C ALA A 23 -0.40 -18.49 6.11
N GLU A 24 -0.01 -17.84 7.18
CA GLU A 24 0.08 -16.37 7.18
C GLU A 24 1.02 -15.90 6.04
N ARG A 25 2.22 -16.46 5.98
CA ARG A 25 3.15 -16.18 4.89
C ARG A 25 2.50 -16.35 3.52
N VAL A 26 1.90 -17.51 3.30
CA VAL A 26 1.34 -17.81 2.00
C VAL A 26 0.25 -16.80 1.63
N ILE A 27 -0.68 -16.56 2.55
CA ILE A 27 -1.67 -15.51 2.36
C ILE A 27 -1.00 -14.15 2.00
N ALA A 28 0.07 -13.82 2.72
CA ALA A 28 0.80 -12.58 2.44
C ALA A 28 1.41 -12.51 1.03
N ARG A 29 1.66 -13.67 0.42
CA ARG A 29 2.30 -13.69 -0.89
C ARG A 29 1.33 -14.01 -2.03
N GLN A 30 0.45 -14.98 -1.82
CA GLN A 30 -0.44 -15.43 -2.89
C GLN A 30 -1.89 -15.01 -2.67
N GLY A 31 -2.10 -14.04 -1.79
CA GLY A 31 -3.46 -13.61 -1.43
C GLY A 31 -4.14 -14.63 -0.54
N LEU A 32 -5.47 -14.53 -0.44
CA LEU A 32 -6.22 -15.50 0.34
C LEU A 32 -6.69 -16.67 -0.52
N GLY A 33 -7.11 -16.35 -1.74
CA GLY A 33 -7.55 -17.36 -2.67
C GLY A 33 -6.42 -18.24 -3.13
N GLY A 34 -5.19 -17.80 -2.88
CA GLY A 34 -4.01 -18.55 -3.27
C GLY A 34 -3.61 -19.63 -2.27
N LEU A 35 -4.30 -19.66 -1.14
CA LEU A 35 -3.96 -20.57 -0.03
C LEU A 35 -4.41 -22.00 -0.29
N SER A 36 -3.46 -22.92 -0.18
CA SER A 36 -3.72 -24.33 -0.40
C SER A 36 -2.90 -25.16 0.58
N HIS A 37 -3.38 -26.35 0.90
CA HIS A 37 -2.65 -27.24 1.79
C HIS A 37 -1.24 -27.48 1.26
N ARG A 38 -1.14 -27.67 -0.05
CA ARG A 38 0.13 -27.95 -0.69
C ARG A 38 1.13 -26.82 -0.48
N ARG A 39 0.69 -25.57 -0.70
CA ARG A 39 1.59 -24.43 -0.57
C ARG A 39 2.05 -24.28 0.87
N VAL A 40 1.11 -24.51 1.77
CA VAL A 40 1.37 -24.38 3.20
C VAL A 40 2.28 -25.50 3.68
N ALA A 41 2.12 -26.71 3.14
CA ALA A 41 3.00 -27.81 3.48
C ALA A 41 4.45 -27.43 3.16
N ALA A 42 4.66 -26.82 2.01
CA ALA A 42 5.99 -26.36 1.61
C ALA A 42 6.50 -25.21 2.50
N GLU A 43 5.71 -24.15 2.59
CA GLU A 43 6.07 -22.98 3.39
C GLU A 43 6.28 -23.37 4.84
N ALA A 44 5.53 -24.36 5.30
CA ALA A 44 5.63 -24.80 6.69
C ALA A 44 6.78 -25.78 6.82
N ASN A 45 7.10 -26.47 5.74
CA ASN A 45 8.13 -27.49 5.77
C ASN A 45 7.59 -28.78 6.38
N VAL A 46 6.27 -28.83 6.54
CA VAL A 46 5.61 -30.03 7.03
C VAL A 46 5.84 -31.10 5.99
N PRO A 47 6.01 -32.34 6.43
CA PRO A 47 6.54 -33.39 5.57
C PRO A 47 5.63 -33.60 4.38
N VAL A 48 4.33 -33.58 4.65
CA VAL A 48 3.33 -33.68 3.60
C VAL A 48 2.12 -32.87 4.00
N GLY A 49 1.30 -32.50 3.02
CA GLY A 49 0.04 -31.86 3.34
C GLY A 49 -0.69 -32.61 4.43
N SER A 50 -0.23 -33.83 4.72
CA SER A 50 -0.91 -34.73 5.65
C SER A 50 -1.00 -34.19 7.06
N THR A 51 0.06 -33.55 7.54
CA THR A 51 -0.02 -32.86 8.82
C THR A 51 -0.94 -31.65 8.67
N THR A 52 -0.83 -31.00 7.53
CA THR A 52 -1.67 -29.86 7.20
C THR A 52 -3.18 -30.25 7.21
N TYR A 53 -3.50 -31.39 6.60
CA TYR A 53 -4.86 -31.92 6.59
C TYR A 53 -5.31 -32.31 7.98
N TYR A 54 -4.38 -32.85 8.75
CA TYR A 54 -4.68 -33.30 10.10
C TYR A 54 -5.07 -32.13 11.02
N PHE A 55 -4.28 -31.07 11.02
CA PHE A 55 -4.51 -29.98 11.96
C PHE A 55 -5.62 -29.06 11.46
N ASN A 56 -5.80 -29.00 10.15
CA ASN A 56 -6.74 -28.11 9.49
C ASN A 56 -7.37 -28.81 8.29
N ASP A 57 -8.33 -29.69 8.54
CA ASP A 57 -8.94 -30.46 7.45
C ASP A 57 -9.44 -29.54 6.34
N LEU A 58 -10.09 -28.46 6.75
CA LEU A 58 -10.70 -27.49 5.86
C LEU A 58 -9.99 -26.15 6.07
N ASP A 59 -10.25 -25.17 5.21
CA ASP A 59 -9.59 -23.87 5.33
C ASP A 59 -10.22 -22.93 6.36
N ALA A 60 -10.30 -23.43 7.60
CA ALA A 60 -10.43 -22.62 8.79
C ALA A 60 -8.98 -22.35 9.23
N LEU A 61 -8.08 -22.61 8.30
CA LEU A 61 -6.68 -22.25 8.41
C LEU A 61 -6.57 -20.74 8.21
N ARG A 62 -7.41 -20.21 7.32
CA ARG A 62 -7.45 -18.78 7.06
C ARG A 62 -7.80 -18.04 8.35
N GLU A 63 -8.77 -18.56 9.08
CA GLU A 63 -9.27 -17.88 10.29
C GLU A 63 -8.18 -17.87 11.34
N ALA A 64 -7.42 -18.94 11.40
CA ALA A 64 -6.34 -19.05 12.38
C ALA A 64 -5.20 -18.13 11.96
N ALA A 65 -4.85 -18.19 10.67
CA ALA A 65 -3.80 -17.33 10.10
C ALA A 65 -4.13 -15.84 10.29
N LEU A 66 -5.39 -15.49 10.04
CA LEU A 66 -5.86 -14.10 10.24
C LEU A 66 -5.87 -13.69 11.73
N ALA A 67 -6.23 -14.62 12.60
CA ALA A 67 -6.30 -14.31 14.03
C ALA A 67 -4.88 -14.24 14.61
N HIS A 68 -3.97 -15.05 14.09
CA HIS A 68 -2.57 -14.98 14.53
C HIS A 68 -1.94 -13.63 14.16
N ALA A 69 -2.23 -13.14 12.97
CA ALA A 69 -1.75 -11.82 12.56
C ALA A 69 -2.47 -10.69 13.35
N ALA A 70 -3.75 -10.89 13.64
CA ALA A 70 -4.49 -9.94 14.47
C ALA A 70 -3.85 -9.83 15.85
N ASN A 71 -3.44 -10.97 16.38
CA ASN A 71 -2.87 -10.99 17.71
C ASN A 71 -1.55 -10.27 17.72
N ALA A 72 -0.75 -10.49 16.68
CA ALA A 72 0.54 -9.82 16.53
C ALA A 72 0.34 -8.31 16.35
N SER A 73 -0.69 -7.93 15.61
CA SER A 73 -0.97 -6.52 15.37
C SER A 73 -1.44 -5.80 16.65
N ALA A 74 -2.43 -6.36 17.32
CA ALA A 74 -2.88 -5.85 18.62
C ALA A 74 -1.70 -5.75 19.60
N ASP A 75 -0.89 -6.80 19.63
CA ASP A 75 0.27 -6.83 20.53
C ASP A 75 1.21 -5.66 20.34
N LEU A 76 1.52 -5.35 19.08
CA LEU A 76 2.44 -4.27 18.81
C LEU A 76 1.77 -2.96 19.21
N LEU A 77 0.47 -2.89 18.95
CA LEU A 77 -0.34 -1.73 19.30
C LEU A 77 -0.35 -1.49 20.83
N ALA A 78 -0.44 -2.56 21.61
CA ALA A 78 -0.30 -2.49 23.06
C ALA A 78 1.09 -1.97 23.45
N GLN A 79 2.12 -2.46 22.77
CA GLN A 79 3.46 -1.97 23.02
C GLN A 79 3.56 -0.45 22.78
N TRP A 80 2.95 0.03 21.70
CA TRP A 80 2.96 1.48 21.41
C TRP A 80 2.24 2.22 22.53
N ARG A 81 1.11 1.67 22.96
CA ARG A 81 0.32 2.27 24.01
C ARG A 81 1.14 2.46 25.30
N SER A 82 1.72 1.36 25.79
CA SER A 82 2.66 1.40 26.88
C SER A 82 3.74 2.47 26.69
N ASP A 83 4.49 2.41 25.58
CA ASP A 83 5.58 3.38 25.32
C ASP A 83 5.12 4.84 25.30
N LEU A 84 3.84 5.08 25.00
CA LEU A 84 3.30 6.44 24.96
C LEU A 84 3.02 7.03 26.35
N ASP A 85 2.40 6.25 27.23
CA ASP A 85 2.18 6.67 28.61
C ASP A 85 3.51 6.85 29.33
N LYS A 86 4.53 6.15 28.85
CA LYS A 86 5.81 6.05 29.51
C LYS A 86 6.72 7.24 29.19
N ASP A 87 6.19 8.19 28.44
CA ASP A 87 6.95 9.39 28.08
C ASP A 87 6.01 10.58 27.93
N ARG A 88 6.57 11.73 27.60
CA ARG A 88 5.77 12.94 27.42
C ARG A 88 5.85 13.49 25.99
N ASP A 89 7.05 13.46 25.41
CA ASP A 89 7.23 13.97 24.06
C ASP A 89 6.60 13.00 23.06
N LEU A 90 5.34 13.25 22.74
CA LEU A 90 4.54 12.41 21.86
C LEU A 90 5.15 12.26 20.46
N ALA A 91 5.51 13.38 19.84
CA ALA A 91 6.07 13.40 18.49
C ALA A 91 7.34 12.56 18.38
N ALA A 92 8.28 12.80 19.29
CA ALA A 92 9.56 12.10 19.23
C ALA A 92 9.39 10.63 19.59
N THR A 93 8.37 10.34 20.41
CA THR A 93 8.11 8.96 20.80
C THR A 93 7.46 8.18 19.63
N LEU A 94 6.48 8.79 18.99
CA LEU A 94 5.91 8.22 17.77
C LEU A 94 6.95 8.03 16.67
N ALA A 95 7.90 8.95 16.54
CA ALA A 95 8.97 8.83 15.53
C ALA A 95 9.88 7.64 15.82
N ARG A 96 10.34 7.57 17.05
CA ARG A 96 11.21 6.50 17.49
C ARG A 96 10.55 5.16 17.19
N LEU A 97 9.30 5.02 17.60
CA LEU A 97 8.54 3.79 17.41
C LEU A 97 8.40 3.41 15.94
N THR A 98 8.19 4.42 15.09
CA THR A 98 8.06 4.20 13.67
C THR A 98 9.41 3.80 13.08
N THR A 99 10.45 4.53 13.46
CA THR A 99 11.80 4.22 13.03
C THR A 99 12.11 2.77 13.35
N VAL A 100 11.72 2.33 14.54
CA VAL A 100 11.94 0.97 14.97
C VAL A 100 11.14 0.01 14.10
N TYR A 101 9.94 0.41 13.72
CA TYR A 101 9.08 -0.41 12.87
C TYR A 101 9.68 -0.57 11.48
N LEU A 102 10.25 0.52 10.94
CA LEU A 102 10.85 0.49 9.62
C LEU A 102 12.12 -0.36 9.64
N ALA A 103 12.79 -0.39 10.79
CA ALA A 103 14.03 -1.15 10.95
C ALA A 103 13.78 -2.63 11.17
N ASP A 104 12.55 -2.98 11.52
CA ASP A 104 12.16 -4.36 11.81
C ASP A 104 11.28 -4.93 10.69
N GLN A 105 11.46 -4.45 9.46
CA GLN A 105 10.71 -4.95 8.32
C GLN A 105 10.68 -6.48 8.24
N ASP A 106 11.76 -7.11 8.69
CA ASP A 106 11.92 -8.55 8.54
C ASP A 106 10.92 -9.26 9.46
N ARG A 107 10.89 -8.82 10.71
CA ARG A 107 9.93 -9.28 11.68
C ARG A 107 8.49 -9.03 11.18
N TYR A 108 8.24 -7.86 10.61
CA TYR A 108 6.85 -7.41 10.38
C TYR A 108 6.36 -7.46 8.93
N ARG A 109 7.17 -8.05 8.06
CA ARG A 109 6.83 -8.15 6.63
C ARG A 109 5.45 -8.73 6.31
N THR A 110 5.09 -9.87 6.92
CA THR A 110 3.80 -10.49 6.62
C THR A 110 2.63 -9.56 6.99
N LEU A 111 2.71 -8.90 8.15
CA LEU A 111 1.73 -7.90 8.52
C LEU A 111 1.65 -6.77 7.48
N ASN A 112 2.81 -6.30 7.06
CA ASN A 112 2.89 -5.24 6.06
C ASN A 112 2.29 -5.63 4.73
N GLU A 113 2.61 -6.84 4.28
CA GLU A 113 2.09 -7.35 3.03
C GLU A 113 0.58 -7.46 3.08
N LEU A 114 0.08 -7.97 4.20
CA LEU A 114 -1.35 -8.11 4.42
C LEU A 114 -2.02 -6.76 4.46
N TYR A 115 -1.34 -5.74 5.01
CA TYR A 115 -1.92 -4.40 5.08
C TYR A 115 -2.04 -3.84 3.67
N MET A 116 -0.94 -3.89 2.93
CA MET A 116 -0.92 -3.39 1.56
C MET A 116 -2.08 -4.03 0.83
N ALA A 117 -2.11 -5.37 0.90
CA ALA A 117 -2.99 -6.19 0.09
C ALA A 117 -4.44 -5.86 0.38
N ALA A 118 -4.69 -5.47 1.63
CA ALA A 118 -6.04 -5.25 2.13
C ALA A 118 -6.63 -4.02 1.49
N ALA A 119 -5.77 -3.20 0.87
CA ALA A 119 -6.21 -2.03 0.13
C ALA A 119 -7.19 -2.42 -0.98
N HIS A 120 -7.02 -3.63 -1.53
CA HIS A 120 -7.94 -4.07 -2.56
C HIS A 120 -8.61 -5.41 -2.27
N ARG A 121 -8.41 -5.96 -1.07
CA ARG A 121 -9.09 -7.20 -0.65
C ARG A 121 -9.87 -7.00 0.64
N PRO A 122 -11.18 -6.70 0.53
CA PRO A 122 -12.09 -6.42 1.65
C PRO A 122 -12.01 -7.46 2.75
N GLU A 123 -11.73 -8.71 2.38
CA GLU A 123 -11.63 -9.80 3.37
C GLU A 123 -10.44 -9.63 4.31
N LEU A 124 -9.48 -8.80 3.93
CA LEU A 124 -8.31 -8.56 4.77
C LEU A 124 -8.46 -7.25 5.56
N GLN A 125 -9.62 -6.61 5.42
CA GLN A 125 -9.83 -5.26 5.97
C GLN A 125 -10.18 -5.18 7.45
N ARG A 126 -10.83 -6.22 7.99
CA ARG A 126 -11.08 -6.25 9.42
C ARG A 126 -9.74 -6.33 10.18
N LEU A 127 -8.84 -7.18 9.67
CA LEU A 127 -7.51 -7.29 10.27
C LEU A 127 -6.77 -5.96 10.11
N ALA A 128 -6.79 -5.42 8.90
CA ALA A 128 -6.02 -4.23 8.61
C ALA A 128 -6.45 -3.04 9.45
N ARG A 129 -7.77 -2.90 9.62
CA ARG A 129 -8.34 -1.74 10.33
C ARG A 129 -7.92 -1.58 11.79
N LEU A 130 -7.51 -2.68 12.42
CA LEU A 130 -7.03 -2.62 13.80
C LEU A 130 -5.95 -1.56 13.95
N TRP A 131 -5.21 -1.28 12.87
CA TRP A 131 -4.12 -0.31 12.94
C TRP A 131 -4.64 1.14 12.98
N PRO A 132 -5.31 1.60 11.91
CA PRO A 132 -5.88 2.96 11.92
C PRO A 132 -6.86 3.17 13.08
N ASP A 133 -7.79 2.26 13.28
CA ASP A 133 -8.75 2.44 14.37
C ASP A 133 -8.00 2.50 15.68
N GLY A 134 -6.98 1.66 15.77
CA GLY A 134 -6.19 1.56 16.97
C GLY A 134 -5.35 2.79 17.26
N LEU A 135 -4.71 3.32 16.23
CA LEU A 135 -3.85 4.46 16.44
C LEU A 135 -4.73 5.66 16.72
N LEU A 136 -5.86 5.72 16.02
CA LEU A 136 -6.79 6.82 16.15
C LEU A 136 -7.27 6.95 17.59
N ALA A 137 -7.81 5.86 18.14
CA ALA A 137 -8.31 5.87 19.50
C ALA A 137 -7.19 6.12 20.50
N LEU A 138 -5.98 5.70 20.16
CA LEU A 138 -4.85 5.90 21.04
C LEU A 138 -4.47 7.37 21.16
N LEU A 139 -4.50 8.08 20.04
CA LEU A 139 -3.98 9.44 19.98
C LEU A 139 -5.06 10.50 20.09
N GLU A 140 -6.28 10.15 19.73
CA GLU A 140 -7.34 11.14 19.66
C GLU A 140 -7.51 11.92 20.97
N PRO A 141 -7.58 11.20 22.10
CA PRO A 141 -7.63 11.90 23.39
C PRO A 141 -6.43 12.82 23.68
N ARG A 142 -5.28 12.59 23.04
CA ARG A 142 -4.09 13.39 23.31
C ARG A 142 -3.97 14.62 22.40
N ILE A 143 -4.55 14.54 21.21
CA ILE A 143 -4.32 15.55 20.19
C ILE A 143 -5.56 15.85 19.37
N GLY A 144 -6.63 15.09 19.62
CA GLY A 144 -7.89 15.31 18.96
C GLY A 144 -8.00 14.61 17.62
N ARG A 145 -9.21 14.55 17.06
CA ARG A 145 -9.49 13.81 15.83
C ARG A 145 -8.59 14.22 14.67
N ARG A 146 -8.62 15.50 14.33
CA ARG A 146 -7.92 16.00 13.16
C ARG A 146 -6.47 15.52 13.15
N ALA A 147 -5.75 15.84 14.23
CA ALA A 147 -4.35 15.52 14.29
C ALA A 147 -4.10 14.00 14.30
N ALA A 148 -4.94 13.25 15.04
CA ALA A 148 -4.76 11.81 15.17
C ALA A 148 -4.93 11.09 13.83
N ASN A 149 -5.89 11.55 13.04
CA ASN A 149 -6.14 11.01 11.72
C ASN A 149 -5.01 11.37 10.76
N ALA A 150 -4.57 12.63 10.83
CA ALA A 150 -3.51 13.10 9.96
C ALA A 150 -2.21 12.33 10.23
N VAL A 151 -1.93 12.05 11.50
CA VAL A 151 -0.75 11.27 11.85
C VAL A 151 -0.83 9.83 11.35
N THR A 152 -2.00 9.20 11.50
CA THR A 152 -2.17 7.81 11.03
C THR A 152 -1.94 7.72 9.52
N VAL A 153 -2.59 8.61 8.77
CA VAL A 153 -2.41 8.72 7.34
C VAL A 153 -0.93 8.85 6.99
N PHE A 154 -0.26 9.79 7.64
CA PHE A 154 1.15 10.02 7.39
C PHE A 154 1.95 8.75 7.69
N PHE A 155 1.58 8.04 8.75
CA PHE A 155 2.26 6.77 9.08
C PHE A 155 2.05 5.68 8.03
N ASP A 156 0.84 5.60 7.48
CA ASP A 156 0.57 4.67 6.39
C ASP A 156 1.54 4.90 5.22
N GLY A 157 1.73 6.16 4.87
CA GLY A 157 2.63 6.53 3.79
C GLY A 157 4.09 6.39 4.19
N ALA A 158 4.38 6.61 5.46
CA ALA A 158 5.75 6.51 5.95
C ALA A 158 6.27 5.10 5.66
N THR A 159 5.46 4.09 5.94
CA THR A 159 5.91 2.73 5.64
C THR A 159 5.88 2.38 4.14
N LEU A 160 4.77 2.67 3.47
CA LEU A 160 4.66 2.38 2.02
C LEU A 160 5.76 3.07 1.19
N HIS A 161 5.92 4.36 1.39
CA HIS A 161 6.87 5.17 0.63
C HIS A 161 8.30 4.73 0.94
N ALA A 162 8.57 4.36 2.20
CA ALA A 162 9.88 3.79 2.56
C ALA A 162 10.15 2.54 1.75
N LEU A 163 9.15 1.67 1.63
CA LEU A 163 9.34 0.43 0.87
C LEU A 163 9.53 0.68 -0.63
N ILE A 164 8.68 1.55 -1.18
CA ILE A 164 8.74 1.85 -2.60
C ILE A 164 10.06 2.53 -3.00
N THR A 165 10.48 3.54 -2.22
CA THR A 165 11.65 4.34 -2.61
C THR A 165 12.93 3.71 -2.10
N GLY A 166 12.79 2.74 -1.21
CA GLY A 166 13.96 2.15 -0.57
C GLY A 166 14.68 3.04 0.43
N THR A 167 14.20 4.26 0.67
CA THR A 167 14.74 5.02 1.82
C THR A 167 13.66 5.57 2.78
N PRO A 168 13.80 5.26 4.06
CA PRO A 168 12.85 5.67 5.09
C PRO A 168 13.15 7.10 5.53
N LEU A 169 12.16 7.78 6.07
CA LEU A 169 12.33 9.04 6.78
C LEU A 169 13.14 8.77 8.05
N SER A 170 14.00 9.70 8.44
CA SER A 170 14.77 9.52 9.68
C SER A 170 13.90 9.81 10.89
N THR A 171 14.40 9.45 12.06
CA THR A 171 13.74 9.85 13.30
C THR A 171 13.47 11.36 13.32
N ASP A 172 14.50 12.18 13.06
CA ASP A 172 14.35 13.64 13.00
C ASP A 172 13.31 14.10 11.99
N GLU A 173 13.36 13.52 10.79
CA GLU A 173 12.39 13.87 9.77
C GLU A 173 10.97 13.45 10.19
N LEU A 174 10.85 12.28 10.80
CA LEU A 174 9.56 11.81 11.27
C LEU A 174 9.05 12.77 12.34
N THR A 175 9.92 13.09 13.30
CA THR A 175 9.53 13.97 14.40
C THR A 175 9.07 15.32 13.89
N ASP A 176 9.79 15.87 12.92
CA ASP A 176 9.47 17.17 12.35
C ASP A 176 8.10 17.19 11.68
N ALA A 177 7.83 16.20 10.83
CA ALA A 177 6.55 16.17 10.12
C ALA A 177 5.41 15.96 11.10
N ILE A 178 5.65 15.13 12.11
CA ILE A 178 4.65 14.85 13.13
C ILE A 178 4.37 16.08 13.98
N ALA A 179 5.42 16.84 14.28
CA ALA A 179 5.24 18.04 15.09
C ALA A 179 4.38 19.08 14.35
N ARG A 180 4.60 19.22 13.06
CA ARG A 180 3.78 20.10 12.23
C ARG A 180 2.30 19.69 12.22
N LEU A 181 2.05 18.38 12.31
CA LEU A 181 0.71 17.85 12.11
C LEU A 181 -0.07 17.84 13.41
N VAL A 182 0.63 17.77 14.53
CA VAL A 182 -0.06 17.66 15.79
C VAL A 182 -0.39 19.02 16.37
N ALA A 183 0.42 20.01 16.03
CA ALA A 183 0.28 21.34 16.63
C ALA A 183 -1.14 21.85 16.39
N ASP A 184 -1.77 22.33 17.45
CA ASP A 184 -3.15 22.85 17.39
C ASP A 184 -3.31 23.98 16.37
N PRO B 12 -8.20 -4.49 -36.03
CA PRO B 12 -9.35 -4.59 -35.12
C PRO B 12 -9.78 -3.21 -34.62
N ALA B 13 -9.02 -2.19 -35.00
CA ALA B 13 -9.23 -0.83 -34.52
C ALA B 13 -8.83 -0.73 -33.06
N GLY B 14 -8.17 -1.77 -32.56
CA GLY B 14 -7.74 -1.82 -31.18
C GLY B 14 -8.25 -3.03 -30.42
N ARG B 15 -8.07 -4.22 -30.99
CA ARG B 15 -8.29 -5.45 -30.23
C ARG B 15 -7.04 -5.66 -29.40
N ARG B 16 -5.89 -5.40 -30.02
CA ARG B 16 -4.61 -5.53 -29.34
C ARG B 16 -4.57 -4.61 -28.12
N GLN B 17 -5.08 -3.39 -28.30
CA GLN B 17 -5.05 -2.37 -27.25
C GLN B 17 -5.99 -2.70 -26.10
N ALA B 18 -6.98 -3.55 -26.37
CA ALA B 18 -7.90 -3.98 -25.33
C ALA B 18 -7.25 -5.09 -24.51
N ILE B 19 -6.35 -5.81 -25.16
CA ILE B 19 -5.64 -6.92 -24.55
C ILE B 19 -4.51 -6.41 -23.65
N VAL B 20 -3.89 -5.31 -24.04
CA VAL B 20 -2.92 -4.68 -23.17
C VAL B 20 -3.61 -4.09 -21.94
N GLU B 21 -4.78 -3.50 -22.16
CA GLU B 21 -5.51 -2.84 -21.07
C GLU B 21 -6.15 -3.85 -20.10
N ALA B 22 -6.48 -5.02 -20.63
CA ALA B 22 -6.95 -6.11 -19.80
C ALA B 22 -5.77 -6.67 -19.00
N ALA B 23 -4.69 -6.98 -19.70
CA ALA B 23 -3.47 -7.54 -19.10
C ALA B 23 -2.96 -6.70 -17.93
N GLU B 24 -3.06 -5.38 -18.08
CA GLU B 24 -2.76 -4.47 -16.98
C GLU B 24 -3.59 -4.90 -15.73
N ARG B 25 -4.92 -4.84 -15.84
CA ARG B 25 -5.80 -5.24 -14.74
C ARG B 25 -5.51 -6.65 -14.24
N VAL B 26 -5.26 -7.57 -15.16
CA VAL B 26 -4.93 -8.93 -14.76
C VAL B 26 -3.71 -8.92 -13.83
N ILE B 27 -2.58 -8.45 -14.36
CA ILE B 27 -1.34 -8.41 -13.60
C ILE B 27 -1.51 -7.67 -12.27
N ALA B 28 -2.35 -6.64 -12.28
CA ALA B 28 -2.59 -5.88 -11.06
C ALA B 28 -3.29 -6.72 -10.00
N ARG B 29 -4.22 -7.57 -10.44
CA ARG B 29 -5.02 -8.40 -9.53
C ARG B 29 -4.34 -9.71 -9.08
N GLN B 30 -3.51 -10.29 -9.95
CA GLN B 30 -2.92 -11.60 -9.69
C GLN B 30 -1.40 -11.54 -9.58
N GLY B 31 -0.82 -10.41 -9.96
CA GLY B 31 0.63 -10.27 -10.00
C GLY B 31 1.24 -10.56 -11.37
N LEU B 32 2.56 -10.42 -11.48
CA LEU B 32 3.25 -10.67 -12.75
C LEU B 32 3.19 -12.13 -13.20
N GLY B 33 3.60 -13.04 -12.31
CA GLY B 33 3.58 -14.46 -12.61
C GLY B 33 2.18 -15.04 -12.57
N GLY B 34 1.17 -14.18 -12.68
CA GLY B 34 -0.21 -14.58 -12.67
C GLY B 34 -0.88 -14.14 -13.97
N LEU B 35 -0.09 -14.12 -15.03
CA LEU B 35 -0.58 -13.77 -16.36
C LEU B 35 -0.86 -15.04 -17.17
N SER B 36 -2.07 -15.10 -17.76
CA SER B 36 -2.47 -16.18 -18.67
C SER B 36 -3.35 -15.61 -19.76
N HIS B 37 -3.32 -16.25 -20.92
CA HIS B 37 -4.16 -15.84 -22.05
C HIS B 37 -5.65 -15.92 -21.69
N ARG B 38 -6.04 -17.03 -21.06
CA ARG B 38 -7.42 -17.23 -20.64
C ARG B 38 -7.96 -16.06 -19.83
N ARG B 39 -7.24 -15.70 -18.77
CA ARG B 39 -7.64 -14.59 -17.91
C ARG B 39 -7.81 -13.28 -18.67
N VAL B 40 -6.85 -12.97 -19.54
CA VAL B 40 -6.87 -11.71 -20.28
C VAL B 40 -8.08 -11.64 -21.22
N ALA B 41 -8.35 -12.73 -21.94
CA ALA B 41 -9.54 -12.84 -22.79
C ALA B 41 -10.79 -12.58 -21.94
N ALA B 42 -10.86 -13.24 -20.79
CA ALA B 42 -11.92 -13.00 -19.83
C ALA B 42 -11.94 -11.53 -19.42
N GLU B 43 -10.78 -11.04 -19.00
CA GLU B 43 -10.64 -9.66 -18.54
C GLU B 43 -11.03 -8.63 -19.59
N ALA B 44 -10.73 -8.92 -20.86
CA ALA B 44 -10.96 -7.98 -21.95
C ALA B 44 -12.22 -8.27 -22.78
N ASN B 45 -12.85 -9.41 -22.55
CA ASN B 45 -14.04 -9.82 -23.31
C ASN B 45 -13.76 -10.11 -24.80
N VAL B 46 -12.58 -10.66 -25.07
CA VAL B 46 -12.17 -11.05 -26.43
C VAL B 46 -11.81 -12.55 -26.52
N PRO B 47 -11.89 -13.11 -27.73
CA PRO B 47 -11.50 -14.52 -27.93
C PRO B 47 -10.04 -14.77 -27.58
N VAL B 48 -9.72 -15.96 -27.08
CA VAL B 48 -8.34 -16.35 -26.74
C VAL B 48 -7.37 -16.25 -27.93
N GLY B 49 -7.85 -16.68 -29.09
CA GLY B 49 -7.04 -16.65 -30.29
C GLY B 49 -6.52 -15.26 -30.61
N SER B 50 -7.30 -14.24 -30.27
CA SER B 50 -6.88 -12.85 -30.47
C SER B 50 -5.66 -12.56 -29.58
N THR B 51 -5.70 -13.09 -28.34
CA THR B 51 -4.61 -12.92 -27.38
C THR B 51 -3.34 -13.66 -27.81
N THR B 52 -3.49 -14.96 -28.12
CA THR B 52 -2.34 -15.74 -28.56
C THR B 52 -1.76 -15.20 -29.86
N TYR B 53 -2.62 -14.82 -30.79
CA TYR B 53 -2.15 -14.28 -32.05
C TYR B 53 -1.28 -13.05 -31.85
N TYR B 54 -1.76 -12.13 -31.01
CA TYR B 54 -1.11 -10.85 -30.82
C TYR B 54 0.03 -10.91 -29.81
N PHE B 55 -0.08 -11.81 -28.84
CA PHE B 55 0.95 -11.95 -27.81
C PHE B 55 1.21 -13.40 -27.47
N ASN B 56 1.74 -14.13 -28.45
CA ASN B 56 2.18 -15.48 -28.18
C ASN B 56 3.05 -15.47 -26.92
N ASP B 57 4.12 -14.68 -26.95
CA ASP B 57 5.03 -14.58 -25.81
C ASP B 57 4.47 -13.71 -24.67
N LEU B 58 4.21 -14.34 -23.52
CA LEU B 58 3.68 -13.63 -22.38
C LEU B 58 4.63 -12.56 -21.79
N ASP B 59 5.93 -12.78 -21.86
CA ASP B 59 6.87 -11.75 -21.41
C ASP B 59 6.61 -10.41 -22.12
N ALA B 60 6.35 -10.48 -23.41
CA ALA B 60 6.01 -9.30 -24.19
C ALA B 60 4.66 -8.71 -23.79
N LEU B 61 3.72 -9.55 -23.38
CA LEU B 61 2.45 -9.03 -22.89
C LEU B 61 2.65 -8.35 -21.53
N ARG B 62 3.55 -8.91 -20.72
CA ARG B 62 3.99 -8.27 -19.47
C ARG B 62 4.62 -6.92 -19.73
N GLU B 63 5.56 -6.87 -20.66
CA GLU B 63 6.20 -5.60 -20.99
C GLU B 63 5.13 -4.62 -21.40
N ALA B 64 4.24 -5.08 -22.28
CA ALA B 64 3.21 -4.20 -22.82
C ALA B 64 2.32 -3.63 -21.71
N ALA B 65 1.89 -4.51 -20.82
CA ALA B 65 0.99 -4.13 -19.72
C ALA B 65 1.63 -3.13 -18.74
N LEU B 66 2.90 -3.36 -18.39
CA LEU B 66 3.65 -2.40 -17.56
C LEU B 66 3.93 -1.05 -18.25
N ALA B 67 4.23 -1.07 -19.54
CA ALA B 67 4.48 0.17 -20.29
C ALA B 67 3.21 1.02 -20.37
N HIS B 68 2.07 0.35 -20.55
CA HIS B 68 0.78 1.02 -20.59
C HIS B 68 0.46 1.68 -19.22
N ALA B 69 0.78 1.00 -18.13
CA ALA B 69 0.65 1.64 -16.82
C ALA B 69 1.64 2.79 -16.66
N ALA B 70 2.88 2.53 -17.07
CA ALA B 70 3.92 3.53 -16.91
C ALA B 70 3.53 4.78 -17.68
N ASN B 71 2.96 4.60 -18.88
CA ASN B 71 2.50 5.73 -19.68
C ASN B 71 1.40 6.52 -18.99
N ALA B 72 0.44 5.79 -18.43
CA ALA B 72 -0.68 6.41 -17.72
C ALA B 72 -0.19 7.15 -16.48
N SER B 73 0.81 6.56 -15.82
CA SER B 73 1.35 7.19 -14.64
C SER B 73 2.00 8.52 -14.98
N ALA B 74 2.96 8.48 -15.89
CA ALA B 74 3.68 9.68 -16.28
C ALA B 74 2.72 10.71 -16.89
N ASP B 75 1.65 10.23 -17.55
CA ASP B 75 0.67 11.12 -18.18
C ASP B 75 -0.05 11.95 -17.11
N LEU B 76 -0.60 11.27 -16.11
CA LEU B 76 -1.18 11.95 -14.96
C LEU B 76 -0.22 12.97 -14.35
N LEU B 77 1.04 12.58 -14.15
CA LEU B 77 2.04 13.45 -13.52
C LEU B 77 2.23 14.76 -14.30
N ALA B 78 2.33 14.65 -15.62
CA ALA B 78 2.44 15.83 -16.47
C ALA B 78 1.22 16.75 -16.32
N GLN B 79 0.05 16.14 -16.13
CA GLN B 79 -1.17 16.92 -15.93
C GLN B 79 -1.11 17.66 -14.59
N TRP B 80 -0.64 16.98 -13.56
CA TRP B 80 -0.35 17.62 -12.29
C TRP B 80 0.64 18.76 -12.48
N ARG B 81 1.65 18.54 -13.32
CA ARG B 81 2.62 19.57 -13.62
C ARG B 81 1.92 20.80 -14.21
N SER B 82 1.10 20.58 -15.21
CA SER B 82 0.43 21.67 -15.92
C SER B 82 -0.41 22.45 -14.94
N ASP B 83 -1.14 21.75 -14.09
CA ASP B 83 -2.02 22.40 -13.12
C ASP B 83 -1.26 23.20 -12.05
N LEU B 84 -0.08 22.71 -11.66
CA LEU B 84 0.67 23.35 -10.58
C LEU B 84 1.34 24.66 -11.00
N ASP B 85 1.79 24.75 -12.25
CA ASP B 85 2.27 26.02 -12.78
C ASP B 85 1.15 27.07 -12.82
N LYS B 86 0.09 26.75 -13.56
CA LYS B 86 -1.01 27.67 -13.75
C LYS B 86 -1.67 28.14 -12.44
N ASP B 87 -2.05 27.22 -11.57
CA ASP B 87 -2.91 27.57 -10.44
C ASP B 87 -2.28 28.59 -9.48
N ARG B 88 -1.00 28.41 -9.17
CA ARG B 88 -0.25 29.42 -8.44
C ARG B 88 -0.47 29.40 -6.92
N ASP B 89 -1.32 28.50 -6.45
CA ASP B 89 -1.45 28.26 -5.02
C ASP B 89 -1.16 26.79 -4.79
N LEU B 90 -0.23 26.50 -3.88
CA LEU B 90 0.26 25.14 -3.80
C LEU B 90 -0.61 24.16 -3.00
N ALA B 91 -0.86 24.48 -1.73
CA ALA B 91 -1.60 23.56 -0.90
C ALA B 91 -2.98 23.20 -1.51
N ALA B 92 -3.76 24.22 -1.86
CA ALA B 92 -5.11 23.98 -2.40
C ALA B 92 -5.09 23.13 -3.68
N THR B 93 -4.13 23.41 -4.54
CA THR B 93 -4.02 22.69 -5.80
C THR B 93 -3.76 21.21 -5.52
N LEU B 94 -2.75 20.97 -4.68
CA LEU B 94 -2.36 19.60 -4.36
C LEU B 94 -3.53 18.90 -3.68
N ALA B 95 -4.21 19.62 -2.77
CA ALA B 95 -5.40 19.08 -2.13
C ALA B 95 -6.43 18.62 -3.17
N ARG B 96 -6.74 19.49 -4.12
CA ARG B 96 -7.70 19.18 -5.19
C ARG B 96 -7.25 17.99 -6.02
N LEU B 97 -6.05 18.08 -6.57
CA LEU B 97 -5.51 17.03 -7.42
C LEU B 97 -5.59 15.67 -6.74
N THR B 98 -5.29 15.64 -5.46
CA THR B 98 -5.34 14.40 -4.68
C THR B 98 -6.77 13.91 -4.55
N THR B 99 -7.68 14.83 -4.28
CA THR B 99 -9.09 14.52 -4.15
C THR B 99 -9.63 13.88 -5.44
N VAL B 100 -9.38 14.55 -6.56
CA VAL B 100 -9.81 14.05 -7.86
C VAL B 100 -9.37 12.61 -8.05
N TYR B 101 -8.13 12.35 -7.65
CA TYR B 101 -7.49 11.05 -7.78
C TYR B 101 -8.12 10.02 -6.85
N LEU B 102 -8.36 10.41 -5.60
CA LEU B 102 -8.98 9.53 -4.63
C LEU B 102 -10.37 9.13 -5.11
N ALA B 103 -11.02 10.04 -5.84
CA ALA B 103 -12.37 9.80 -6.33
C ALA B 103 -12.36 8.92 -7.58
N ASP B 104 -11.37 9.11 -8.44
CA ASP B 104 -11.29 8.34 -9.67
C ASP B 104 -10.85 6.90 -9.42
N GLN B 105 -11.75 6.10 -8.87
CA GLN B 105 -11.47 4.70 -8.60
C GLN B 105 -11.36 3.90 -9.89
N ASP B 106 -12.14 4.30 -10.91
CA ASP B 106 -12.07 3.65 -12.19
C ASP B 106 -10.82 4.06 -12.96
N ARG B 107 -10.07 3.06 -13.40
CA ARG B 107 -8.92 3.25 -14.27
C ARG B 107 -7.65 3.62 -13.52
N TYR B 108 -7.75 3.83 -12.22
CA TYR B 108 -6.57 4.05 -11.39
C TYR B 108 -6.40 2.95 -10.35
N ARG B 109 -7.42 2.10 -10.24
CA ARG B 109 -7.36 0.92 -9.40
C ARG B 109 -6.04 0.19 -9.64
N THR B 110 -5.80 -0.04 -10.93
CA THR B 110 -4.66 -0.81 -11.39
C THR B 110 -3.33 -0.18 -10.94
N LEU B 111 -3.14 1.09 -11.27
CA LEU B 111 -1.97 1.82 -10.85
C LEU B 111 -1.85 1.65 -9.36
N ASN B 112 -3.00 1.68 -8.70
CA ASN B 112 -3.06 1.46 -7.26
C ASN B 112 -2.77 0.01 -6.91
N GLU B 113 -3.34 -0.93 -7.67
CA GLU B 113 -3.08 -2.32 -7.34
C GLU B 113 -1.58 -2.61 -7.45
N LEU B 114 -0.94 -2.03 -8.45
CA LEU B 114 0.48 -2.28 -8.71
C LEU B 114 1.41 -1.59 -7.71
N TYR B 115 1.07 -0.37 -7.35
CA TYR B 115 1.89 0.45 -6.48
C TYR B 115 1.97 -0.23 -5.11
N MET B 116 0.83 -0.74 -4.63
CA MET B 116 0.85 -1.44 -3.35
C MET B 116 1.67 -2.74 -3.44
N ALA B 117 1.42 -3.51 -4.50
CA ALA B 117 2.17 -4.73 -4.74
C ALA B 117 3.68 -4.47 -4.80
N ALA B 118 4.08 -3.36 -5.43
CA ALA B 118 5.50 -3.04 -5.58
C ALA B 118 6.19 -2.91 -4.23
N ALA B 119 5.41 -2.67 -3.18
CA ALA B 119 5.97 -2.48 -1.85
C ALA B 119 6.88 -3.64 -1.46
N HIS B 120 6.55 -4.85 -1.90
CA HIS B 120 7.37 -6.01 -1.65
C HIS B 120 7.76 -6.74 -2.96
N ARG B 121 7.74 -6.02 -4.08
CA ARG B 121 7.99 -6.66 -5.37
C ARG B 121 8.86 -5.79 -6.26
N PRO B 122 10.18 -5.97 -6.14
CA PRO B 122 11.21 -5.21 -6.86
C PRO B 122 10.91 -5.06 -8.35
N GLU B 123 10.30 -6.06 -8.96
CA GLU B 123 10.00 -6.03 -10.39
C GLU B 123 8.89 -5.03 -10.70
N LEU B 124 8.25 -4.48 -9.67
CA LEU B 124 7.17 -3.53 -9.93
C LEU B 124 7.58 -2.12 -9.54
N GLN B 125 8.83 -1.97 -9.09
CA GLN B 125 9.27 -0.68 -8.52
C GLN B 125 9.73 0.35 -9.54
N ARG B 126 10.32 -0.09 -10.66
CA ARG B 126 10.65 0.86 -11.72
C ARG B 126 9.35 1.61 -12.06
N LEU B 127 8.27 0.85 -12.16
CA LEU B 127 6.96 1.44 -12.42
C LEU B 127 6.48 2.34 -11.27
N ALA B 128 6.62 1.85 -10.03
CA ALA B 128 6.10 2.60 -8.86
C ALA B 128 6.87 3.91 -8.57
N ARG B 129 8.20 3.83 -8.59
CA ARG B 129 9.06 4.96 -8.29
C ARG B 129 8.83 6.21 -9.16
N LEU B 130 8.12 6.05 -10.28
CA LEU B 130 7.78 7.20 -11.11
C LEU B 130 6.97 8.21 -10.33
N TRP B 131 6.02 7.71 -9.53
CA TRP B 131 5.21 8.62 -8.70
C TRP B 131 6.07 9.44 -7.69
N PRO B 132 6.76 8.78 -6.76
CA PRO B 132 7.61 9.47 -5.77
C PRO B 132 8.72 10.33 -6.42
N ASP B 133 9.40 9.80 -7.43
CA ASP B 133 10.43 10.58 -8.11
C ASP B 133 9.84 11.80 -8.82
N GLY B 134 8.77 11.57 -9.61
CA GLY B 134 8.11 12.62 -10.34
C GLY B 134 7.57 13.72 -9.45
N LEU B 135 6.94 13.34 -8.35
CA LEU B 135 6.36 14.35 -7.45
C LEU B 135 7.45 15.23 -6.87
N LEU B 136 8.57 14.59 -6.55
CA LEU B 136 9.75 15.25 -6.00
C LEU B 136 10.30 16.30 -6.95
N ALA B 137 10.45 15.92 -8.23
CA ALA B 137 10.93 16.86 -9.26
C ALA B 137 10.01 18.05 -9.35
N LEU B 138 8.72 17.78 -9.25
CA LEU B 138 7.69 18.82 -9.32
C LEU B 138 7.84 19.79 -8.15
N LEU B 139 7.91 19.25 -6.94
CA LEU B 139 7.75 20.08 -5.75
C LEU B 139 9.04 20.65 -5.20
N GLU B 140 10.10 19.85 -5.25
CA GLU B 140 11.36 20.19 -4.60
C GLU B 140 11.84 21.62 -4.89
N PRO B 141 11.81 22.03 -6.18
CA PRO B 141 12.20 23.39 -6.55
C PRO B 141 11.35 24.42 -5.82
N ARG B 142 10.05 24.14 -5.72
CA ARG B 142 9.13 25.09 -5.13
C ARG B 142 9.15 25.14 -3.59
N ILE B 143 9.34 23.99 -2.93
CA ILE B 143 9.19 23.94 -1.48
C ILE B 143 10.35 23.30 -0.70
N GLY B 144 11.35 22.83 -1.43
CA GLY B 144 12.50 22.19 -0.83
C GLY B 144 12.25 20.69 -0.83
N ARG B 145 13.30 19.92 -0.58
CA ARG B 145 13.16 18.48 -0.71
C ARG B 145 12.61 17.84 0.57
N ARG B 146 12.89 18.44 1.73
CA ARG B 146 12.35 17.90 2.96
C ARG B 146 10.83 17.96 2.89
N ALA B 147 10.32 19.14 2.54
CA ALA B 147 8.88 19.35 2.39
C ALA B 147 8.32 18.45 1.29
N ALA B 148 9.05 18.35 0.19
CA ALA B 148 8.59 17.57 -0.95
C ALA B 148 8.41 16.11 -0.56
N ASN B 149 9.40 15.56 0.14
CA ASN B 149 9.34 14.19 0.63
C ASN B 149 8.19 13.97 1.61
N ALA B 150 8.05 14.90 2.55
CA ALA B 150 7.02 14.79 3.56
C ALA B 150 5.64 14.83 2.93
N VAL B 151 5.48 15.58 1.84
CA VAL B 151 4.16 15.69 1.22
C VAL B 151 3.86 14.42 0.46
N THR B 152 4.82 13.91 -0.29
CA THR B 152 4.52 12.69 -1.03
C THR B 152 4.28 11.54 -0.06
N VAL B 153 5.06 11.47 1.03
CA VAL B 153 4.77 10.52 2.09
C VAL B 153 3.29 10.61 2.48
N PHE B 154 2.82 11.83 2.77
CA PHE B 154 1.41 12.01 3.17
C PHE B 154 0.41 11.52 2.09
N PHE B 155 0.70 11.81 0.82
CA PHE B 155 -0.15 11.35 -0.28
C PHE B 155 -0.21 9.83 -0.43
N ASP B 156 0.94 9.18 -0.27
CA ASP B 156 1.01 7.72 -0.28
C ASP B 156 0.11 7.20 0.84
N GLY B 157 0.20 7.86 1.99
CA GLY B 157 -0.66 7.55 3.12
C GLY B 157 -2.12 7.83 2.81
N ALA B 158 -2.39 8.95 2.17
CA ALA B 158 -3.80 9.34 1.97
C ALA B 158 -4.51 8.25 1.17
N THR B 159 -3.87 7.76 0.12
CA THR B 159 -4.50 6.75 -0.73
C THR B 159 -4.66 5.40 -0.01
N LEU B 160 -3.57 4.86 0.52
CA LEU B 160 -3.63 3.61 1.26
C LEU B 160 -4.66 3.72 2.40
N HIS B 161 -4.55 4.76 3.22
CA HIS B 161 -5.49 4.95 4.34
C HIS B 161 -6.95 5.04 3.86
N ALA B 162 -7.21 5.84 2.83
CA ALA B 162 -8.55 5.92 2.24
C ALA B 162 -9.09 4.54 1.88
N LEU B 163 -8.28 3.75 1.19
CA LEU B 163 -8.71 2.44 0.72
C LEU B 163 -8.96 1.49 1.89
N ILE B 164 -8.05 1.51 2.86
CA ILE B 164 -8.14 0.63 4.02
C ILE B 164 -9.39 0.88 4.87
N THR B 165 -9.57 2.15 5.26
CA THR B 165 -10.65 2.54 6.16
C THR B 165 -11.95 2.76 5.43
N GLY B 166 -11.89 2.94 4.12
CA GLY B 166 -13.08 3.16 3.32
C GLY B 166 -13.50 4.61 3.21
N THR B 167 -12.79 5.52 3.88
CA THR B 167 -13.11 6.95 3.73
C THR B 167 -11.91 7.90 3.52
N PRO B 168 -11.94 8.65 2.41
CA PRO B 168 -10.88 9.63 2.12
C PRO B 168 -10.92 10.87 3.04
N LEU B 169 -9.77 11.53 3.18
CA LEU B 169 -9.71 12.84 3.79
C LEU B 169 -10.41 13.84 2.87
N SER B 170 -11.04 14.85 3.44
CA SER B 170 -11.68 15.87 2.63
C SER B 170 -10.63 16.77 2.01
N THR B 171 -11.06 17.61 1.08
CA THR B 171 -10.15 18.57 0.48
C THR B 171 -9.62 19.49 1.56
N ASP B 172 -10.51 19.99 2.39
CA ASP B 172 -10.11 20.86 3.50
C ASP B 172 -9.09 20.18 4.42
N GLU B 173 -9.33 18.92 4.77
CA GLU B 173 -8.40 18.17 5.61
C GLU B 173 -7.04 18.00 4.92
N LEU B 174 -7.07 17.69 3.63
CA LEU B 174 -5.87 17.59 2.83
C LEU B 174 -5.13 18.92 2.77
N THR B 175 -5.88 19.98 2.51
CA THR B 175 -5.28 21.30 2.36
C THR B 175 -4.56 21.70 3.65
N ASP B 176 -5.22 21.44 4.77
CA ASP B 176 -4.72 21.79 6.09
C ASP B 176 -3.43 21.03 6.40
N ALA B 177 -3.43 19.74 6.08
CA ALA B 177 -2.25 18.92 6.34
C ALA B 177 -1.12 19.26 5.38
N ILE B 178 -1.44 19.54 4.12
CA ILE B 178 -0.37 19.94 3.21
C ILE B 178 0.27 21.24 3.69
N ALA B 179 -0.59 22.22 4.03
CA ALA B 179 -0.13 23.53 4.45
C ALA B 179 0.80 23.46 5.66
N ARG B 180 0.47 22.60 6.62
CA ARG B 180 1.34 22.39 7.77
C ARG B 180 2.70 21.81 7.35
N LEU B 181 2.69 20.95 6.33
CA LEU B 181 3.89 20.25 5.87
C LEU B 181 4.78 21.15 5.02
N VAL B 182 4.19 22.15 4.39
CA VAL B 182 4.98 23.03 3.53
C VAL B 182 5.35 24.34 4.23
N ALA B 183 4.67 24.64 5.33
CA ALA B 183 4.88 25.92 6.03
C ALA B 183 6.35 26.19 6.43
N ASP B 184 6.67 27.47 6.63
CA ASP B 184 8.00 27.92 7.05
C ASP B 184 8.93 28.16 5.85
C1 ET C . 2.01 -0.37 13.98
C2 ET C . 1.27 -1.36 14.64
C3 ET C . 0.42 -2.21 13.93
C4 ET C . 0.28 -2.07 12.55
N5 ET C . 0.91 -0.92 10.49
C6 ET C . 1.59 0.02 9.81
C7 ET C . 3.22 1.89 9.77
C8 ET C . 4.09 2.76 10.43
C9 ET C . 4.25 2.66 11.82
C10 ET C . 3.54 1.70 12.54
C11 ET C . 2.50 0.91 10.50
C12 ET C . 2.66 0.81 11.87
C13 ET C . 1.88 -0.23 12.57
C14 ET C . 1.04 -1.06 11.87
C15 ET C . 1.49 0.12 8.33
C16 ET C . 2.13 -0.92 7.63
C17 ET C . 2.13 -0.94 6.23
C18 ET C . 1.49 0.09 5.54
C19 ET C . 0.88 1.13 6.25
C20 ET C . 0.87 1.16 7.64
C21 ET C . 0.02 -1.81 9.76
C22 ET C . 0.47 -3.20 9.47
N23 ET C . -0.32 -3.20 14.65
N24 ET C . 4.81 3.76 9.66
C1 ET D . -0.46 10.59 -8.81
C2 ET D . 0.16 10.35 -10.03
C3 ET D . 0.77 9.13 -10.30
C4 ET D . 0.77 8.12 -9.35
N5 ET D . 0.16 7.35 -7.14
C6 ET D . -0.41 7.50 -5.92
C7 ET D . -1.68 8.89 -4.33
C8 ET D . -2.30 10.07 -3.96
C9 ET D . -2.33 11.13 -4.88
C10 ET D . -1.74 11.00 -6.14
C11 ET D . -1.07 8.75 -5.60
C12 ET D . -1.11 9.78 -6.50
C13 ET D . -0.46 9.55 -7.81
C14 ET D . 0.15 8.35 -8.09
C15 ET D . -0.45 6.43 -4.89
C16 ET D . -1.34 5.37 -5.06
C17 ET D . -1.42 4.35 -4.12
C18 ET D . -0.61 4.43 -2.98
C19 ET D . 0.27 5.49 -2.81
C20 ET D . 0.35 6.50 -3.75
C21 ET D . 0.82 6.12 -7.51
C22 ET D . -0.02 5.06 -8.16
N23 ET D . 1.40 8.91 -11.56
N24 ET D . -2.89 10.17 -2.66
#